data_1PVS
#
_entry.id   1PVS
#
_cell.length_a   58.005
_cell.length_b   75.979
_cell.length_c   61.417
_cell.angle_alpha   90.00
_cell.angle_beta   110.03
_cell.angle_gamma   90.00
#
_symmetry.space_group_name_H-M   'P 1 21 1'
#
loop_
_entity.id
_entity.type
_entity.pdbx_description
1 polymer 'DNA-3-methyladenine glycosylase II'
2 non-polymer 7-HYDROXY-PYRAZOLO[4,3-D]PYRIMIDINE
3 water water
#
_entity_poly.entity_id   1
_entity_poly.type   'polypeptide(L)'
_entity_poly.pdbx_seq_one_letter_code
;MYTLNWQPPYDWSWMLGFLAARAVSSVETVADSYYARSLAVGEYRGVVTAIPDIARHTLHINLSAGLEPVAAECLAKMSR
LFDLQCNPQIVNGALGRLGAARPGLRLPGCVDAFEQGVRAILGQLVSVAMAAKLTARVAQLYGERLDDFPEYICFPTPQR
LAAADPQALKALGMPLKRAEALIHLANAALEGTLPMTIPGDVEQAMKTLQTFPGIGRWTANYFALRGWQAKDVFLPDDYL
IKQRFPGMTPAQIRRYAERWKPWRSYALLHIWYTEGWQPDEA
;
_entity_poly.pdbx_strand_id   A,B
#
# COMPACT_ATOMS: atom_id res chain seq x y z
N MET A 1 34.60 -10.29 -32.36
CA MET A 1 34.64 -9.09 -31.46
C MET A 1 33.78 -7.95 -32.01
N TYR A 2 32.59 -7.82 -31.45
CA TYR A 2 31.65 -6.79 -31.84
C TYR A 2 31.84 -5.59 -30.94
N THR A 3 31.28 -4.45 -31.35
CA THR A 3 31.39 -3.21 -30.59
C THR A 3 30.04 -2.48 -30.49
N LEU A 4 29.76 -1.95 -29.30
CA LEU A 4 28.53 -1.20 -29.07
C LEU A 4 28.91 0.12 -28.38
N ASN A 5 28.09 1.14 -28.52
CA ASN A 5 28.43 2.42 -27.92
C ASN A 5 27.56 2.80 -26.73
N TRP A 6 28.07 3.73 -25.92
CA TRP A 6 27.33 4.22 -24.76
C TRP A 6 27.69 5.69 -24.58
N GLN A 7 26.82 6.42 -23.88
CA GLN A 7 27.04 7.85 -23.66
C GLN A 7 27.55 8.12 -22.25
N PRO A 8 28.70 8.80 -22.14
CA PRO A 8 29.31 9.14 -20.85
C PRO A 8 28.43 10.07 -20.02
N PRO A 9 28.53 9.98 -18.68
CA PRO A 9 29.40 9.05 -17.97
C PRO A 9 28.79 7.67 -17.78
N TYR A 10 29.64 6.70 -17.47
CA TYR A 10 29.18 5.34 -17.21
C TYR A 10 30.06 4.83 -16.08
N ASP A 11 29.46 4.63 -14.92
CA ASP A 11 30.17 4.15 -13.75
C ASP A 11 30.28 2.64 -13.92
N TRP A 12 31.38 2.18 -14.50
CA TRP A 12 31.61 0.76 -14.73
C TRP A 12 32.00 0.01 -13.46
N SER A 13 32.71 0.70 -12.57
CA SER A 13 33.15 0.10 -11.32
C SER A 13 31.91 -0.33 -10.52
N TRP A 14 30.94 0.57 -10.42
CA TRP A 14 29.70 0.30 -9.71
C TRP A 14 28.95 -0.87 -10.35
N MET A 15 28.84 -0.84 -11.68
CA MET A 15 28.13 -1.89 -12.42
C MET A 15 28.70 -3.30 -12.21
N LEU A 16 30.00 -3.47 -12.40
CA LEU A 16 30.61 -4.79 -12.21
C LEU A 16 30.56 -5.19 -10.75
N GLY A 17 30.58 -4.19 -9.87
CA GLY A 17 30.51 -4.45 -8.45
C GLY A 17 29.15 -5.01 -8.12
N PHE A 18 28.14 -4.46 -8.77
CA PHE A 18 26.75 -4.87 -8.62
C PHE A 18 26.56 -6.31 -9.12
N LEU A 19 27.11 -6.61 -10.30
CA LEU A 19 26.98 -7.95 -10.86
C LEU A 19 27.85 -8.96 -10.12
N ALA A 20 29.04 -8.54 -9.69
CA ALA A 20 29.92 -9.47 -8.97
C ALA A 20 29.23 -10.01 -7.72
N ALA A 21 28.58 -9.14 -6.95
CA ALA A 21 27.92 -9.60 -5.74
C ALA A 21 26.77 -10.54 -6.05
N ARG A 22 26.13 -10.33 -7.19
CA ARG A 22 25.02 -11.18 -7.54
C ARG A 22 25.38 -12.31 -8.49
N ALA A 23 26.66 -12.40 -8.85
CA ALA A 23 27.10 -13.43 -9.77
C ALA A 23 26.95 -14.87 -9.25
N VAL A 24 26.38 -15.73 -10.08
CA VAL A 24 26.17 -17.14 -9.73
C VAL A 24 27.40 -17.97 -10.14
N SER A 25 28.01 -18.63 -9.13
CA SER A 25 29.17 -19.45 -9.37
C SER A 25 28.85 -20.55 -10.40
N SER A 26 29.75 -20.57 -11.36
CA SER A 26 29.93 -21.42 -12.49
C SER A 26 28.88 -21.02 -13.57
N VAL A 27 28.48 -19.75 -13.46
CA VAL A 27 27.66 -19.19 -14.56
C VAL A 27 28.31 -17.91 -15.07
N GLU A 28 28.56 -17.01 -14.08
CA GLU A 28 29.12 -15.72 -14.42
C GLU A 28 30.51 -15.55 -13.83
N THR A 29 31.30 -14.70 -14.47
CA THR A 29 32.64 -14.42 -14.02
C THR A 29 32.79 -12.92 -14.11
N VAL A 30 32.90 -12.28 -12.96
CA VAL A 30 33.02 -10.85 -12.96
C VAL A 30 34.36 -10.38 -12.41
N ALA A 31 34.99 -9.48 -13.14
CA ALA A 31 36.27 -8.94 -12.74
C ALA A 31 36.24 -7.43 -12.84
N ASP A 32 37.39 -6.81 -12.57
CA ASP A 32 37.49 -5.35 -12.62
C ASP A 32 37.45 -4.75 -14.01
N SER A 33 37.85 -5.51 -15.02
CA SER A 33 37.87 -4.97 -16.38
C SER A 33 36.98 -5.69 -17.39
N TYR A 34 36.24 -6.69 -16.93
CA TYR A 34 35.36 -7.42 -17.85
C TYR A 34 34.30 -8.26 -17.16
N TYR A 35 33.32 -8.67 -17.94
CA TYR A 35 32.23 -9.51 -17.49
C TYR A 35 32.03 -10.64 -18.49
N ALA A 36 31.76 -11.83 -17.99
CA ALA A 36 31.54 -12.98 -18.86
C ALA A 36 30.61 -13.98 -18.21
N ARG A 37 29.91 -14.74 -19.05
CA ARG A 37 28.99 -15.75 -18.55
C ARG A 37 28.52 -16.65 -19.67
N SER A 38 28.02 -17.82 -19.28
CA SER A 38 27.49 -18.78 -20.21
C SER A 38 26.19 -18.16 -20.74
N LEU A 39 25.76 -18.59 -21.92
CA LEU A 39 24.54 -18.05 -22.51
C LEU A 39 23.98 -19.01 -23.54
N ALA A 40 22.68 -19.28 -23.45
CA ALA A 40 22.01 -20.20 -24.36
C ALA A 40 20.85 -19.55 -25.08
N VAL A 41 20.94 -19.49 -26.40
CA VAL A 41 19.87 -18.93 -27.23
C VAL A 41 19.41 -20.10 -28.08
N GLY A 42 18.32 -20.74 -27.66
CA GLY A 42 17.83 -21.90 -28.37
C GLY A 42 18.85 -22.99 -28.14
N GLU A 43 19.23 -23.70 -29.21
CA GLU A 43 20.21 -24.77 -29.07
C GLU A 43 21.63 -24.25 -29.24
N TYR A 44 21.78 -22.92 -29.31
CA TYR A 44 23.09 -22.31 -29.44
C TYR A 44 23.62 -21.97 -28.06
N ARG A 45 24.80 -22.49 -27.76
CA ARG A 45 25.41 -22.28 -26.45
C ARG A 45 26.87 -21.81 -26.52
N GLY A 46 27.27 -21.05 -25.51
CA GLY A 46 28.64 -20.55 -25.49
C GLY A 46 28.95 -19.60 -24.36
N VAL A 47 30.01 -18.82 -24.56
CA VAL A 47 30.46 -17.87 -23.55
C VAL A 47 30.52 -16.47 -24.15
N VAL A 48 29.90 -15.53 -23.48
CA VAL A 48 29.89 -14.16 -23.91
C VAL A 48 30.80 -13.37 -22.98
N THR A 49 31.63 -12.51 -23.55
CA THR A 49 32.53 -11.70 -22.75
C THR A 49 32.37 -10.23 -23.14
N ALA A 50 32.23 -9.38 -22.13
CA ALA A 50 32.07 -7.96 -22.37
C ALA A 50 33.26 -7.19 -21.78
N ILE A 51 33.94 -6.43 -22.63
CA ILE A 51 35.11 -5.66 -22.25
C ILE A 51 34.89 -4.18 -22.54
N PRO A 52 34.78 -3.36 -21.49
CA PRO A 52 34.57 -1.94 -21.73
C PRO A 52 35.86 -1.18 -22.04
N ASP A 53 35.74 -0.18 -22.90
CA ASP A 53 36.86 0.69 -23.30
C ASP A 53 36.36 2.07 -22.88
N ILE A 54 36.56 2.38 -21.61
CA ILE A 54 36.10 3.63 -21.03
C ILE A 54 36.47 4.86 -21.85
N ALA A 55 37.75 5.00 -22.16
CA ALA A 55 38.24 6.15 -22.92
C ALA A 55 37.43 6.36 -24.20
N ARG A 56 37.18 5.31 -24.95
CA ARG A 56 36.42 5.47 -26.17
C ARG A 56 34.92 5.18 -26.01
N HIS A 57 34.48 5.06 -24.75
CA HIS A 57 33.08 4.77 -24.42
C HIS A 57 32.45 3.77 -25.38
N THR A 58 33.14 2.64 -25.55
CA THR A 58 32.68 1.57 -26.43
C THR A 58 32.88 0.23 -25.73
N LEU A 59 31.84 -0.59 -25.70
CA LEU A 59 31.90 -1.90 -25.06
C LEU A 59 32.19 -2.98 -26.12
N HIS A 60 33.31 -3.68 -25.96
CA HIS A 60 33.71 -4.75 -26.88
C HIS A 60 33.19 -6.10 -26.38
N ILE A 61 32.44 -6.81 -27.23
CA ILE A 61 31.85 -8.10 -26.89
C ILE A 61 32.53 -9.25 -27.67
N ASN A 62 32.87 -10.33 -26.97
CA ASN A 62 33.49 -11.49 -27.61
C ASN A 62 32.58 -12.70 -27.38
N LEU A 63 32.33 -13.45 -28.44
CA LEU A 63 31.47 -14.62 -28.33
C LEU A 63 32.26 -15.87 -28.71
N SER A 64 31.99 -16.97 -28.03
CA SER A 64 32.67 -18.22 -28.36
C SER A 64 31.95 -18.71 -29.62
N ALA A 65 32.63 -19.57 -30.37
CA ALA A 65 32.10 -20.11 -31.63
C ALA A 65 30.63 -20.59 -31.62
N GLY A 66 30.19 -21.17 -30.51
CA GLY A 66 28.82 -21.67 -30.45
C GLY A 66 27.68 -20.65 -30.48
N LEU A 67 28.01 -19.37 -30.34
CA LEU A 67 27.00 -18.32 -30.33
C LEU A 67 27.02 -17.41 -31.56
N GLU A 68 28.04 -17.55 -32.40
CA GLU A 68 28.13 -16.71 -33.59
C GLU A 68 26.85 -16.66 -34.42
N PRO A 69 26.19 -17.80 -34.65
CA PRO A 69 24.96 -17.78 -35.45
C PRO A 69 23.89 -16.82 -34.94
N VAL A 70 23.85 -16.64 -33.62
CA VAL A 70 22.88 -15.73 -32.99
C VAL A 70 23.58 -14.56 -32.30
N ALA A 71 24.70 -14.12 -32.88
CA ALA A 71 25.48 -13.02 -32.35
C ALA A 71 24.64 -11.79 -32.02
N ALA A 72 23.79 -11.39 -32.97
CA ALA A 72 22.92 -10.23 -32.85
C ALA A 72 22.02 -10.23 -31.61
N GLU A 73 21.43 -11.38 -31.32
CA GLU A 73 20.56 -11.48 -30.17
C GLU A 73 21.45 -11.48 -28.92
N CYS A 74 22.69 -11.95 -29.06
CA CYS A 74 23.61 -11.93 -27.92
C CYS A 74 23.99 -10.50 -27.63
N LEU A 75 24.21 -9.72 -28.69
CA LEU A 75 24.57 -8.32 -28.50
C LEU A 75 23.40 -7.59 -27.87
N ALA A 76 22.19 -7.92 -28.33
CA ALA A 76 20.99 -7.27 -27.80
C ALA A 76 20.83 -7.54 -26.30
N LYS A 77 21.14 -8.76 -25.88
CA LYS A 77 21.03 -9.13 -24.46
C LYS A 77 22.02 -8.34 -23.59
N MET A 78 23.27 -8.22 -24.07
CA MET A 78 24.30 -7.47 -23.35
C MET A 78 23.87 -6.01 -23.18
N SER A 79 23.28 -5.43 -24.23
CA SER A 79 22.86 -4.03 -24.20
C SER A 79 21.78 -3.80 -23.15
N ARG A 80 20.92 -4.78 -22.96
CA ARG A 80 19.86 -4.64 -21.98
C ARG A 80 20.42 -4.87 -20.57
N LEU A 81 21.42 -5.73 -20.46
CA LEU A 81 22.04 -6.01 -19.17
C LEU A 81 22.77 -4.77 -18.64
N PHE A 82 23.49 -4.10 -19.53
CA PHE A 82 24.28 -2.92 -19.16
C PHE A 82 23.62 -1.58 -19.41
N ASP A 83 22.39 -1.62 -19.93
CA ASP A 83 21.63 -0.39 -20.14
C ASP A 83 22.40 0.63 -20.99
N LEU A 84 22.83 0.20 -22.18
CA LEU A 84 23.61 1.06 -23.09
C LEU A 84 22.82 2.21 -23.69
N GLN A 85 21.49 2.10 -23.65
CA GLN A 85 20.60 3.12 -24.21
C GLN A 85 20.46 4.35 -23.33
N CYS A 86 20.79 4.21 -22.05
CA CYS A 86 20.61 5.31 -21.12
C CYS A 86 21.25 6.65 -21.46
N ASN A 87 20.47 7.70 -21.31
CA ASN A 87 20.94 9.06 -21.54
C ASN A 87 21.12 9.70 -20.16
N PRO A 88 22.33 9.58 -19.56
CA PRO A 88 22.64 10.14 -18.24
C PRO A 88 22.30 11.62 -18.01
N GLN A 89 22.46 12.45 -19.04
CA GLN A 89 22.15 13.87 -18.93
C GLN A 89 20.68 14.09 -18.60
N ILE A 90 19.81 13.35 -19.29
CA ILE A 90 18.38 13.48 -19.06
C ILE A 90 18.01 12.97 -17.68
N VAL A 91 18.33 11.72 -17.40
CA VAL A 91 18.04 11.13 -16.10
C VAL A 91 18.56 11.98 -14.94
N ASN A 92 19.82 12.38 -15.00
CA ASN A 92 20.37 13.18 -13.90
C ASN A 92 19.73 14.56 -13.83
N GLY A 93 19.34 15.10 -14.98
CA GLY A 93 18.69 16.40 -14.99
C GLY A 93 17.38 16.32 -14.21
N ALA A 94 16.57 15.30 -14.50
CA ALA A 94 15.31 15.14 -13.81
C ALA A 94 15.49 14.76 -12.33
N LEU A 95 16.39 13.83 -12.05
CA LEU A 95 16.64 13.39 -10.67
C LEU A 95 17.22 14.51 -9.81
N GLY A 96 17.95 15.42 -10.43
CA GLY A 96 18.53 16.53 -9.71
C GLY A 96 19.63 16.13 -8.75
N ARG A 97 19.55 16.67 -7.54
CA ARG A 97 20.53 16.41 -6.50
C ARG A 97 20.77 14.93 -6.21
N LEU A 98 19.70 14.13 -6.22
CA LEU A 98 19.78 12.69 -5.96
C LEU A 98 20.82 11.96 -6.77
N GLY A 99 20.95 12.34 -8.05
CA GLY A 99 21.90 11.68 -8.90
C GLY A 99 23.26 12.35 -8.93
N ALA A 100 23.37 13.52 -8.31
CA ALA A 100 24.62 14.27 -8.29
C ALA A 100 25.79 13.43 -7.81
N ALA A 101 25.53 12.57 -6.83
CA ALA A 101 26.57 11.69 -6.26
C ALA A 101 27.31 10.90 -7.34
N ARG A 102 26.62 9.99 -8.00
CA ARG A 102 27.23 9.20 -9.06
C ARG A 102 26.37 9.24 -10.30
N PRO A 103 26.67 10.19 -11.21
CA PRO A 103 25.92 10.33 -12.44
C PRO A 103 26.09 9.17 -13.44
N GLY A 104 27.09 8.33 -13.22
CA GLY A 104 27.37 7.18 -14.06
C GLY A 104 26.62 5.93 -13.69
N LEU A 105 25.77 5.98 -12.70
CA LEU A 105 24.86 4.94 -12.26
C LEU A 105 23.86 4.51 -13.35
N ARG A 106 23.92 3.20 -13.64
CA ARG A 106 23.13 2.54 -14.66
C ARG A 106 22.14 1.51 -14.10
N LEU A 107 21.08 1.17 -14.85
CA LEU A 107 20.11 0.16 -14.42
C LEU A 107 20.53 -1.25 -14.87
N PRO A 108 20.98 -2.09 -13.92
CA PRO A 108 21.41 -3.44 -14.30
C PRO A 108 20.24 -4.30 -14.76
N GLY A 109 20.27 -4.75 -16.01
CA GLY A 109 19.20 -5.58 -16.52
C GLY A 109 19.46 -7.07 -16.37
N CYS A 110 19.31 -7.79 -17.47
CA CYS A 110 19.51 -9.23 -17.48
C CYS A 110 19.77 -9.71 -18.89
N VAL A 111 20.10 -10.99 -19.01
CA VAL A 111 20.38 -11.62 -20.29
C VAL A 111 19.17 -12.41 -20.80
N ASP A 112 18.29 -12.80 -19.89
CA ASP A 112 17.08 -13.57 -20.24
C ASP A 112 16.03 -13.36 -19.16
N ALA A 113 14.83 -12.95 -19.57
CA ALA A 113 13.76 -12.68 -18.60
C ALA A 113 13.35 -13.87 -17.75
N PHE A 114 13.39 -15.09 -18.31
CA PHE A 114 13.01 -16.25 -17.53
C PHE A 114 14.00 -16.51 -16.40
N GLU A 115 15.28 -16.28 -16.69
CA GLU A 115 16.34 -16.47 -15.70
C GLU A 115 16.11 -15.45 -14.58
N GLN A 116 16.02 -14.19 -14.95
CA GLN A 116 15.82 -13.13 -13.98
C GLN A 116 14.60 -13.40 -13.10
N GLY A 117 13.52 -13.85 -13.73
CA GLY A 117 12.32 -14.17 -12.96
C GLY A 117 12.67 -15.18 -11.89
N VAL A 118 13.47 -16.17 -12.27
CA VAL A 118 13.93 -17.20 -11.36
C VAL A 118 14.76 -16.60 -10.24
N ARG A 119 15.61 -15.63 -10.58
CA ARG A 119 16.45 -14.97 -9.58
C ARG A 119 15.63 -14.16 -8.59
N ALA A 120 14.68 -13.41 -9.11
CA ALA A 120 13.82 -12.57 -8.27
C ALA A 120 13.16 -13.43 -7.19
N ILE A 121 12.61 -14.57 -7.61
CA ILE A 121 11.94 -15.47 -6.68
C ILE A 121 12.95 -15.96 -5.65
N LEU A 122 14.12 -16.38 -6.12
CA LEU A 122 15.17 -16.87 -5.24
C LEU A 122 15.71 -15.77 -4.34
N GLY A 123 15.47 -14.52 -4.71
CA GLY A 123 15.94 -13.41 -3.91
C GLY A 123 14.95 -13.06 -2.81
N GLN A 124 13.83 -13.78 -2.78
CA GLN A 124 12.79 -13.56 -1.77
C GLN A 124 13.26 -13.77 -0.33
N LEU A 125 12.89 -12.84 0.54
CA LEU A 125 13.22 -12.87 1.98
C LEU A 125 14.60 -13.44 2.27
N VAL A 126 15.61 -12.96 1.55
CA VAL A 126 16.97 -13.46 1.71
C VAL A 126 18.01 -12.46 1.19
N SER A 127 19.21 -12.48 1.75
CA SER A 127 20.25 -11.55 1.32
C SER A 127 20.85 -11.89 -0.04
N VAL A 128 21.48 -10.89 -0.65
CA VAL A 128 22.11 -11.03 -1.95
C VAL A 128 23.03 -12.26 -1.97
N ALA A 129 23.90 -12.35 -0.98
CA ALA A 129 24.86 -13.47 -0.88
C ALA A 129 24.17 -14.83 -0.79
N MET A 130 23.18 -14.94 0.10
CA MET A 130 22.44 -16.19 0.28
C MET A 130 21.74 -16.52 -1.04
N ALA A 131 21.13 -15.51 -1.65
CA ALA A 131 20.44 -15.68 -2.93
C ALA A 131 21.37 -16.29 -3.99
N ALA A 132 22.55 -15.71 -4.17
CA ALA A 132 23.52 -16.18 -5.15
C ALA A 132 23.93 -17.62 -4.86
N LYS A 133 24.16 -17.91 -3.59
CA LYS A 133 24.55 -19.24 -3.16
C LYS A 133 23.44 -20.24 -3.52
N LEU A 134 22.19 -19.84 -3.34
CA LEU A 134 21.06 -20.70 -3.66
C LEU A 134 20.94 -20.91 -5.16
N THR A 135 21.02 -19.81 -5.91
CA THR A 135 20.90 -19.88 -7.35
C THR A 135 22.01 -20.75 -7.97
N ALA A 136 23.15 -20.82 -7.31
CA ALA A 136 24.25 -21.64 -7.83
C ALA A 136 23.92 -23.13 -7.68
N ARG A 137 23.28 -23.49 -6.56
CA ARG A 137 22.91 -24.89 -6.32
C ARG A 137 21.86 -25.30 -7.34
N VAL A 138 20.90 -24.42 -7.58
CA VAL A 138 19.85 -24.72 -8.54
C VAL A 138 20.46 -24.90 -9.93
N ALA A 139 21.40 -24.04 -10.30
CA ALA A 139 22.04 -24.14 -11.62
C ALA A 139 22.95 -25.37 -11.69
N GLN A 140 23.59 -25.67 -10.58
CA GLN A 140 24.49 -26.82 -10.46
C GLN A 140 23.70 -28.11 -10.69
N LEU A 141 22.52 -28.19 -10.09
CA LEU A 141 21.67 -29.35 -10.20
C LEU A 141 20.93 -29.51 -11.53
N TYR A 142 20.30 -28.43 -11.99
CA TYR A 142 19.51 -28.44 -13.24
C TYR A 142 20.14 -27.78 -14.46
N GLY A 143 21.40 -27.33 -14.32
CA GLY A 143 22.07 -26.69 -15.42
C GLY A 143 22.84 -27.67 -16.29
N GLU A 144 23.22 -27.23 -17.48
CA GLU A 144 23.96 -28.06 -18.42
C GLU A 144 25.35 -27.48 -18.64
N ARG A 145 26.38 -28.32 -18.59
CA ARG A 145 27.75 -27.83 -18.78
C ARG A 145 28.07 -27.61 -20.26
N LEU A 146 28.97 -26.67 -20.52
CA LEU A 146 29.39 -26.38 -21.88
C LEU A 146 30.51 -27.35 -22.25
N ASP A 147 30.34 -28.04 -23.38
CA ASP A 147 31.33 -29.01 -23.84
C ASP A 147 32.68 -28.35 -24.07
N ASP A 148 32.69 -27.28 -24.87
CA ASP A 148 33.91 -26.57 -25.18
C ASP A 148 34.48 -25.75 -24.02
N PHE A 149 33.65 -25.39 -23.05
CA PHE A 149 34.12 -24.63 -21.88
C PHE A 149 33.60 -25.27 -20.59
N PRO A 150 34.22 -26.39 -20.19
CA PRO A 150 33.91 -27.19 -19.00
C PRO A 150 33.76 -26.42 -17.69
N GLU A 151 34.35 -25.24 -17.60
CA GLU A 151 34.24 -24.47 -16.36
C GLU A 151 32.91 -23.73 -16.25
N TYR A 152 32.18 -23.66 -17.36
CA TYR A 152 30.89 -22.98 -17.40
C TYR A 152 29.67 -23.90 -17.49
N ILE A 153 28.60 -23.48 -16.84
CA ILE A 153 27.35 -24.22 -16.86
C ILE A 153 26.25 -23.20 -17.22
N CYS A 154 25.30 -23.62 -18.08
CA CYS A 154 24.21 -22.76 -18.50
C CYS A 154 23.10 -22.74 -17.47
N PHE A 155 22.46 -21.59 -17.30
CA PHE A 155 21.38 -21.45 -16.34
C PHE A 155 20.33 -22.49 -16.74
N PRO A 156 19.68 -23.12 -15.77
CA PRO A 156 18.66 -24.12 -16.08
C PRO A 156 17.62 -23.60 -17.08
N THR A 157 17.24 -24.46 -18.03
CA THR A 157 16.24 -24.09 -19.03
C THR A 157 14.85 -24.36 -18.46
N PRO A 158 13.82 -23.70 -19.00
CA PRO A 158 12.42 -23.84 -18.57
C PRO A 158 11.97 -25.30 -18.56
N GLN A 159 12.30 -26.04 -19.62
CA GLN A 159 11.93 -27.44 -19.74
C GLN A 159 12.44 -28.25 -18.55
N ARG A 160 13.72 -28.08 -18.24
CA ARG A 160 14.32 -28.80 -17.13
C ARG A 160 13.62 -28.45 -15.80
N LEU A 161 13.56 -27.16 -15.49
CA LEU A 161 12.91 -26.70 -14.25
C LEU A 161 11.40 -26.94 -14.22
N ALA A 162 10.83 -27.43 -15.31
CA ALA A 162 9.40 -27.67 -15.34
C ALA A 162 9.12 -29.06 -14.80
N ALA A 163 10.09 -29.95 -14.97
CA ALA A 163 9.98 -31.33 -14.51
C ALA A 163 10.79 -31.59 -13.24
N ALA A 164 11.31 -30.53 -12.63
CA ALA A 164 12.09 -30.69 -11.41
C ALA A 164 11.15 -31.06 -10.27
N ASP A 165 11.58 -31.97 -9.41
CA ASP A 165 10.76 -32.38 -8.27
C ASP A 165 10.77 -31.25 -7.24
N PRO A 166 9.57 -30.77 -6.84
CA PRO A 166 9.42 -29.70 -5.86
C PRO A 166 10.34 -29.87 -4.65
N GLN A 167 10.40 -31.11 -4.15
CA GLN A 167 11.22 -31.48 -3.01
C GLN A 167 12.71 -31.30 -3.33
N ALA A 168 13.10 -31.63 -4.56
CA ALA A 168 14.50 -31.49 -4.97
C ALA A 168 14.95 -30.05 -4.79
N LEU A 169 14.19 -29.12 -5.37
CA LEU A 169 14.52 -27.71 -5.23
C LEU A 169 14.40 -27.31 -3.76
N LYS A 170 13.42 -27.89 -3.06
CA LYS A 170 13.21 -27.61 -1.64
C LYS A 170 14.50 -27.87 -0.88
N ALA A 171 15.05 -29.07 -1.05
CA ALA A 171 16.28 -29.47 -0.36
C ALA A 171 17.45 -28.49 -0.55
N LEU A 172 17.44 -27.73 -1.64
CA LEU A 172 18.51 -26.77 -1.91
C LEU A 172 18.46 -25.57 -0.95
N GLY A 173 17.34 -25.41 -0.25
CA GLY A 173 17.21 -24.31 0.69
C GLY A 173 16.08 -23.32 0.50
N MET A 174 14.89 -23.81 0.16
CA MET A 174 13.73 -22.94 -0.01
C MET A 174 12.45 -23.68 0.39
N PRO A 175 11.40 -22.93 0.75
CA PRO A 175 10.13 -23.56 1.15
C PRO A 175 9.52 -24.23 -0.08
N LEU A 176 8.58 -25.13 0.13
CA LEU A 176 7.93 -25.83 -0.99
C LEU A 176 7.23 -24.83 -1.89
N LYS A 177 6.61 -23.82 -1.27
CA LYS A 177 5.90 -22.77 -2.00
C LYS A 177 6.84 -22.16 -3.04
N ARG A 178 8.03 -21.74 -2.59
CA ARG A 178 9.04 -21.13 -3.45
C ARG A 178 9.36 -22.03 -4.63
N ALA A 179 9.58 -23.31 -4.32
CA ALA A 179 9.90 -24.31 -5.32
C ALA A 179 8.76 -24.54 -6.31
N GLU A 180 7.53 -24.28 -5.87
CA GLU A 180 6.38 -24.46 -6.74
C GLU A 180 6.19 -23.24 -7.62
N ALA A 181 6.62 -22.09 -7.11
CA ALA A 181 6.52 -20.84 -7.84
C ALA A 181 7.43 -20.98 -9.05
N LEU A 182 8.64 -21.46 -8.80
CA LEU A 182 9.61 -21.64 -9.86
C LEU A 182 9.10 -22.60 -10.92
N ILE A 183 8.55 -23.73 -10.48
CA ILE A 183 8.03 -24.75 -11.39
C ILE A 183 6.95 -24.16 -12.29
N HIS A 184 6.08 -23.34 -11.70
CA HIS A 184 5.00 -22.70 -12.46
C HIS A 184 5.60 -21.68 -13.44
N LEU A 185 6.59 -20.92 -12.97
CA LEU A 185 7.24 -19.91 -13.80
C LEU A 185 7.82 -20.58 -15.03
N ALA A 186 8.38 -21.76 -14.83
CA ALA A 186 8.98 -22.52 -15.92
C ALA A 186 7.96 -22.86 -17.00
N ASN A 187 6.77 -23.26 -16.59
CA ASN A 187 5.69 -23.60 -17.53
C ASN A 187 5.12 -22.34 -18.19
N ALA A 188 5.15 -21.23 -17.47
CA ALA A 188 4.63 -19.98 -18.01
C ALA A 188 5.57 -19.56 -19.14
N ALA A 189 6.86 -19.76 -18.92
CA ALA A 189 7.86 -19.40 -19.94
C ALA A 189 7.63 -20.26 -21.18
N LEU A 190 7.42 -21.57 -20.97
CA LEU A 190 7.19 -22.51 -22.07
C LEU A 190 5.99 -22.09 -22.94
N GLU A 191 4.88 -21.73 -22.30
CA GLU A 191 3.66 -21.32 -23.00
C GLU A 191 3.74 -19.93 -23.62
N GLY A 192 4.53 -19.04 -23.03
CA GLY A 192 4.64 -17.69 -23.54
C GLY A 192 3.78 -16.68 -22.80
N THR A 193 3.36 -17.03 -21.58
CA THR A 193 2.51 -16.16 -20.76
C THR A 193 3.34 -15.14 -20.00
N LEU A 194 4.63 -15.45 -19.86
CA LEU A 194 5.58 -14.58 -19.17
C LEU A 194 6.23 -13.68 -20.22
N PRO A 195 6.01 -12.36 -20.15
CA PRO A 195 6.59 -11.43 -21.12
C PRO A 195 8.11 -11.45 -21.08
N MET A 196 8.73 -11.88 -22.17
CA MET A 196 10.18 -11.95 -22.24
C MET A 196 10.80 -10.58 -22.51
N THR A 197 9.99 -9.67 -23.02
CA THR A 197 10.45 -8.32 -23.32
C THR A 197 9.46 -7.38 -22.65
N ILE A 198 9.90 -6.18 -22.31
CA ILE A 198 9.04 -5.25 -21.63
C ILE A 198 7.74 -4.96 -22.38
N PRO A 199 6.61 -5.09 -21.70
CA PRO A 199 5.29 -4.85 -22.27
C PRO A 199 4.93 -3.36 -22.30
N GLY A 200 4.08 -2.98 -23.25
CA GLY A 200 3.68 -1.59 -23.38
C GLY A 200 3.08 -1.02 -22.12
N ASP A 201 2.34 -1.84 -21.38
CA ASP A 201 1.73 -1.39 -20.14
C ASP A 201 2.27 -2.23 -18.99
N VAL A 202 3.29 -1.70 -18.31
CA VAL A 202 3.93 -2.39 -17.20
C VAL A 202 3.01 -2.70 -16.02
N GLU A 203 2.28 -1.70 -15.55
CA GLU A 203 1.39 -1.90 -14.41
C GLU A 203 0.43 -3.07 -14.61
N GLN A 204 -0.22 -3.10 -15.77
CA GLN A 204 -1.14 -4.17 -16.11
C GLN A 204 -0.43 -5.51 -16.06
N ALA A 205 0.72 -5.58 -16.73
CA ALA A 205 1.49 -6.82 -16.76
C ALA A 205 1.88 -7.28 -15.36
N MET A 206 2.40 -6.37 -14.54
CA MET A 206 2.79 -6.75 -13.17
C MET A 206 1.59 -7.32 -12.43
N LYS A 207 0.44 -6.66 -12.60
CA LYS A 207 -0.80 -7.09 -11.99
C LYS A 207 -1.04 -8.56 -12.32
N THR A 208 -0.96 -8.87 -13.61
CA THR A 208 -1.16 -10.23 -14.07
C THR A 208 -0.09 -11.15 -13.50
N LEU A 209 1.14 -10.63 -13.37
CA LEU A 209 2.27 -11.40 -12.86
C LEU A 209 2.05 -11.86 -11.42
N GLN A 210 1.39 -11.02 -10.64
CA GLN A 210 1.12 -11.34 -9.24
C GLN A 210 0.00 -12.34 -9.03
N THR A 211 -0.74 -12.66 -10.09
CA THR A 211 -1.82 -13.64 -9.98
C THR A 211 -1.17 -15.03 -10.01
N PHE A 212 0.15 -15.01 -10.11
CA PHE A 212 0.94 -16.25 -10.14
C PHE A 212 1.20 -16.66 -8.70
N PRO A 213 1.29 -17.98 -8.45
CA PRO A 213 1.54 -18.50 -7.10
C PRO A 213 2.99 -18.26 -6.67
N GLY A 214 3.15 -17.57 -5.55
CA GLY A 214 4.48 -17.32 -5.03
C GLY A 214 5.13 -16.03 -5.52
N ILE A 215 4.37 -15.19 -6.20
CA ILE A 215 4.91 -13.93 -6.70
C ILE A 215 4.25 -12.72 -6.05
N GLY A 216 4.96 -12.11 -5.11
CA GLY A 216 4.40 -10.96 -4.42
C GLY A 216 4.74 -9.64 -5.10
N ARG A 217 4.35 -8.56 -4.45
CA ARG A 217 4.57 -7.20 -4.93
C ARG A 217 6.07 -6.91 -5.12
N TRP A 218 6.88 -7.29 -4.13
CA TRP A 218 8.32 -7.05 -4.23
C TRP A 218 8.92 -7.78 -5.43
N THR A 219 8.67 -9.09 -5.50
CA THR A 219 9.16 -9.91 -6.60
C THR A 219 8.70 -9.33 -7.93
N ALA A 220 7.43 -8.95 -8.00
CA ALA A 220 6.86 -8.37 -9.22
C ALA A 220 7.58 -7.10 -9.66
N ASN A 221 7.74 -6.17 -8.71
CA ASN A 221 8.42 -4.92 -9.01
C ASN A 221 9.87 -5.15 -9.44
N TYR A 222 10.57 -5.99 -8.66
CA TYR A 222 12.00 -6.25 -8.87
C TYR A 222 12.19 -6.89 -10.24
N PHE A 223 11.21 -7.89 -10.51
CA PHE A 223 11.33 -8.55 -11.80
C PHE A 223 11.17 -7.57 -12.92
N ALA A 224 10.13 -6.64 -12.73
CA ALA A 224 9.93 -5.70 -13.91
C ALA A 224 11.18 -4.84 -14.14
N LEU A 225 11.70 -4.36 -13.01
CA LEU A 225 12.86 -3.49 -13.00
C LEU A 225 14.07 -4.15 -13.70
N ARG A 226 14.46 -5.36 -13.31
CA ARG A 226 15.62 -6.03 -13.88
C ARG A 226 15.26 -6.83 -15.11
N GLY A 227 14.13 -7.54 -15.01
CA GLY A 227 13.68 -8.39 -16.09
C GLY A 227 13.20 -7.68 -17.33
N TRP A 228 12.56 -6.53 -17.19
CA TRP A 228 12.08 -5.78 -18.35
C TRP A 228 12.79 -4.46 -18.50
N GLN A 229 13.58 -4.10 -17.50
CA GLN A 229 14.32 -2.84 -17.48
C GLN A 229 13.35 -1.67 -17.49
N ALA A 230 12.31 -1.78 -16.69
CA ALA A 230 11.31 -0.72 -16.57
C ALA A 230 12.04 0.38 -15.78
N LYS A 231 11.93 1.62 -16.24
CA LYS A 231 12.61 2.75 -15.59
C LYS A 231 11.83 3.47 -14.50
N ASP A 232 10.53 3.24 -14.40
CA ASP A 232 9.76 3.95 -13.39
C ASP A 232 9.14 3.07 -12.32
N VAL A 233 9.93 2.16 -11.75
CA VAL A 233 9.42 1.28 -10.71
C VAL A 233 10.22 1.44 -9.42
N PHE A 234 9.50 1.55 -8.31
CA PHE A 234 10.14 1.67 -7.00
C PHE A 234 9.82 0.40 -6.22
N LEU A 235 10.59 0.15 -5.17
CA LEU A 235 10.40 -1.03 -4.31
C LEU A 235 10.17 -0.57 -2.87
N PRO A 236 8.94 -0.17 -2.54
CA PRO A 236 8.61 0.29 -1.18
C PRO A 236 8.65 -0.82 -0.14
N ASP A 237 8.61 -2.06 -0.61
CA ASP A 237 8.65 -3.23 0.28
C ASP A 237 10.09 -3.69 0.53
N ASP A 238 11.01 -3.23 -0.31
CA ASP A 238 12.42 -3.62 -0.17
C ASP A 238 12.94 -3.43 1.25
N TYR A 239 13.65 -4.44 1.77
CA TYR A 239 14.19 -4.39 3.13
C TYR A 239 15.20 -3.27 3.32
N LEU A 240 16.10 -3.11 2.36
CA LEU A 240 17.10 -2.06 2.44
C LEU A 240 16.41 -0.70 2.40
N ILE A 241 15.40 -0.58 1.53
CA ILE A 241 14.65 0.65 1.37
C ILE A 241 14.01 1.09 2.70
N LYS A 242 13.50 0.13 3.46
CA LYS A 242 12.89 0.43 4.75
C LYS A 242 13.94 1.07 5.66
N GLN A 243 15.17 0.56 5.59
CA GLN A 243 16.28 1.09 6.39
C GLN A 243 16.51 2.55 6.02
N ARG A 244 16.42 2.85 4.73
CA ARG A 244 16.61 4.21 4.25
C ARG A 244 15.43 5.08 4.67
N PHE A 245 14.26 4.48 4.86
CA PHE A 245 13.07 5.22 5.29
C PHE A 245 12.55 4.71 6.63
N PRO A 246 13.27 5.01 7.73
CA PRO A 246 12.91 4.59 9.09
C PRO A 246 11.54 5.08 9.55
N GLY A 247 10.71 4.14 9.99
CA GLY A 247 9.38 4.50 10.47
C GLY A 247 8.31 4.54 9.40
N MET A 248 8.66 5.00 8.20
CA MET A 248 7.67 5.09 7.13
C MET A 248 7.23 3.73 6.61
N THR A 249 5.92 3.58 6.43
CA THR A 249 5.35 2.34 5.93
C THR A 249 5.54 2.27 4.41
N PRO A 250 5.26 1.09 3.83
CA PRO A 250 5.40 0.95 2.38
C PRO A 250 4.61 2.00 1.61
N ALA A 251 3.38 2.26 2.05
CA ALA A 251 2.51 3.24 1.40
C ALA A 251 3.08 4.66 1.44
N GLN A 252 3.73 5.00 2.56
CA GLN A 252 4.33 6.31 2.75
C GLN A 252 5.57 6.45 1.87
N ILE A 253 6.33 5.37 1.77
CA ILE A 253 7.53 5.38 0.96
C ILE A 253 7.11 5.52 -0.50
N ARG A 254 6.04 4.82 -0.86
CA ARG A 254 5.51 4.88 -2.22
C ARG A 254 5.06 6.31 -2.55
N ARG A 255 4.51 6.99 -1.54
CA ARG A 255 4.07 8.36 -1.72
C ARG A 255 5.29 9.25 -1.88
N TYR A 256 6.32 9.02 -1.07
CA TYR A 256 7.51 9.83 -1.16
C TYR A 256 8.19 9.73 -2.52
N ALA A 257 8.27 8.52 -3.06
CA ALA A 257 8.94 8.28 -4.34
C ALA A 257 8.30 8.86 -5.61
N GLU A 258 7.04 9.27 -5.53
CA GLU A 258 6.34 9.80 -6.70
C GLU A 258 7.06 11.01 -7.30
N ARG A 259 7.84 11.67 -6.47
CA ARG A 259 8.57 12.85 -6.89
C ARG A 259 9.69 12.56 -7.89
N TRP A 260 10.03 11.27 -8.07
CA TRP A 260 11.09 10.92 -9.00
C TRP A 260 10.57 10.38 -10.33
N LYS A 261 9.25 10.38 -10.47
CA LYS A 261 8.62 9.94 -11.71
C LYS A 261 9.18 10.83 -12.81
N PRO A 262 9.36 10.29 -14.02
CA PRO A 262 9.11 8.90 -14.43
C PRO A 262 10.38 8.07 -14.45
N TRP A 263 11.26 8.30 -13.46
CA TRP A 263 12.53 7.56 -13.39
C TRP A 263 12.74 6.96 -12.01
N ARG A 264 11.69 6.40 -11.41
CA ARG A 264 11.82 5.82 -10.09
C ARG A 264 12.81 4.65 -10.03
N SER A 265 12.97 3.91 -11.12
CA SER A 265 13.92 2.80 -11.15
C SER A 265 15.34 3.30 -10.95
N TYR A 266 15.65 4.46 -11.53
CA TYR A 266 16.99 5.02 -11.37
C TYR A 266 17.10 5.60 -9.96
N ALA A 267 15.99 6.16 -9.47
CA ALA A 267 15.96 6.72 -8.13
C ALA A 267 16.24 5.61 -7.13
N LEU A 268 15.62 4.45 -7.35
CA LEU A 268 15.78 3.31 -6.47
C LEU A 268 17.25 2.90 -6.36
N LEU A 269 17.96 2.90 -7.49
CA LEU A 269 19.36 2.52 -7.52
C LEU A 269 20.22 3.48 -6.70
N HIS A 270 20.04 4.78 -6.93
CA HIS A 270 20.80 5.77 -6.19
C HIS A 270 20.55 5.68 -4.68
N ILE A 271 19.29 5.49 -4.29
CA ILE A 271 18.97 5.38 -2.87
C ILE A 271 19.63 4.13 -2.30
N TRP A 272 19.62 3.07 -3.08
CA TRP A 272 20.23 1.82 -2.67
C TRP A 272 21.73 1.97 -2.41
N TYR A 273 22.37 2.89 -3.20
CA TYR A 273 23.79 3.11 -3.14
C TYR A 273 24.26 4.36 -2.48
N THR A 274 23.35 5.09 -1.79
CA THR A 274 23.77 6.24 -0.95
C THR A 274 23.62 5.83 0.51
N GLU A 275 24.72 5.61 1.16
CA GLU A 275 24.77 5.08 2.49
C GLU A 275 24.00 5.84 3.54
N GLY A 276 24.24 7.13 3.56
CA GLY A 276 23.71 7.99 4.62
C GLY A 276 22.49 8.74 4.12
N TRP A 277 21.95 8.28 3.00
CA TRP A 277 20.69 8.76 2.50
C TRP A 277 19.55 8.65 3.54
N GLN A 278 18.77 9.74 3.47
CA GLN A 278 17.68 10.05 4.35
C GLN A 278 16.68 11.00 3.70
N PRO A 279 15.40 10.87 4.01
CA PRO A 279 14.37 11.71 3.42
C PRO A 279 14.36 13.16 3.91
N ASP A 280 13.64 13.99 3.16
CA ASP A 280 13.47 15.41 3.45
C ASP A 280 12.43 15.61 4.54
N GLU A 281 11.84 16.81 4.55
CA GLU A 281 10.82 17.16 5.52
C GLU A 281 9.87 18.14 4.85
N ALA A 282 8.57 18.00 5.14
CA ALA A 282 7.55 18.86 4.57
C ALA A 282 6.19 18.53 5.19
N MET B 1 -2.18 5.87 -6.39
CA MET B 1 -2.15 6.92 -5.34
C MET B 1 -2.97 8.12 -5.81
N TYR B 2 -4.20 8.20 -5.30
CA TYR B 2 -5.12 9.25 -5.64
C TYR B 2 -4.91 10.47 -4.74
N THR B 3 -5.44 11.61 -5.17
CA THR B 3 -5.28 12.84 -4.38
C THR B 3 -6.60 13.61 -4.25
N LEU B 4 -6.89 14.09 -3.05
CA LEU B 4 -8.10 14.87 -2.80
C LEU B 4 -7.65 16.17 -2.13
N ASN B 5 -8.41 17.25 -2.33
CA ASN B 5 -8.04 18.54 -1.77
C ASN B 5 -8.93 19.01 -0.62
N TRP B 6 -8.35 19.83 0.26
CA TRP B 6 -9.09 20.41 1.38
C TRP B 6 -8.64 21.86 1.50
N GLN B 7 -9.47 22.68 2.15
CA GLN B 7 -9.16 24.09 2.32
C GLN B 7 -8.80 24.38 3.77
N PRO B 8 -7.59 24.92 3.99
CA PRO B 8 -7.04 25.29 5.31
C PRO B 8 -7.92 26.30 6.04
N PRO B 9 -7.89 26.26 7.38
CA PRO B 9 -7.09 25.31 8.15
C PRO B 9 -7.78 23.99 8.38
N TYR B 10 -6.96 22.98 8.67
CA TYR B 10 -7.45 21.64 8.96
C TYR B 10 -6.53 21.10 10.05
N ASP B 11 -7.12 20.81 11.21
CA ASP B 11 -6.36 20.29 12.34
C ASP B 11 -6.31 18.76 12.24
N TRP B 12 -5.24 18.23 11.63
CA TRP B 12 -5.05 16.80 11.46
C TRP B 12 -4.63 16.09 12.75
N SER B 13 -3.86 16.80 13.57
CA SER B 13 -3.42 16.24 14.84
C SER B 13 -4.67 15.87 15.64
N TRP B 14 -5.63 16.78 15.71
CA TRP B 14 -6.86 16.54 16.46
C TRP B 14 -7.72 15.44 15.83
N MET B 15 -7.80 15.45 14.50
CA MET B 15 -8.59 14.46 13.78
C MET B 15 -8.04 13.04 13.94
N LEU B 16 -6.73 12.88 13.88
CA LEU B 16 -6.13 11.56 14.04
C LEU B 16 -6.21 11.13 15.50
N GLY B 17 -6.20 12.10 16.40
CA GLY B 17 -6.30 11.77 17.81
C GLY B 17 -7.71 11.32 18.11
N PHE B 18 -8.67 11.91 17.42
CA PHE B 18 -10.07 11.56 17.60
C PHE B 18 -10.30 10.13 17.14
N LEU B 19 -9.76 9.80 15.97
CA LEU B 19 -9.91 8.47 15.41
C LEU B 19 -9.11 7.42 16.17
N ALA B 20 -7.93 7.79 16.63
CA ALA B 20 -7.09 6.84 17.36
C ALA B 20 -7.78 6.34 18.63
N ALA B 21 -8.36 7.25 19.42
CA ALA B 21 -9.03 6.83 20.64
C ALA B 21 -10.18 5.87 20.34
N ARG B 22 -10.86 6.09 19.23
CA ARG B 22 -11.98 5.25 18.85
C ARG B 22 -11.63 4.11 17.90
N ALA B 23 -10.36 4.02 17.52
CA ALA B 23 -9.91 2.97 16.60
C ALA B 23 -10.15 1.55 17.12
N VAL B 24 -10.67 0.70 16.24
CA VAL B 24 -10.96 -0.68 16.59
C VAL B 24 -9.80 -1.60 16.24
N SER B 25 -9.25 -2.29 17.24
CA SER B 25 -8.12 -3.19 17.05
C SER B 25 -8.38 -4.23 15.97
N SER B 26 -7.41 -4.35 15.06
CA SER B 26 -7.47 -5.29 13.95
C SER B 26 -8.30 -4.76 12.78
N VAL B 27 -8.84 -3.57 12.93
CA VAL B 27 -9.64 -2.97 11.87
C VAL B 27 -9.03 -1.65 11.38
N GLU B 28 -8.61 -0.82 12.32
CA GLU B 28 -8.02 0.48 11.97
C GLU B 28 -6.66 0.65 12.60
N THR B 29 -5.83 1.45 11.94
CA THR B 29 -4.49 1.72 12.41
C THR B 29 -4.33 3.22 12.31
N VAL B 30 -4.12 3.87 13.43
CA VAL B 30 -4.03 5.33 13.37
C VAL B 30 -2.65 5.77 13.83
N ALA B 31 -2.02 6.64 13.11
CA ALA B 31 -0.65 7.11 13.56
C ALA B 31 -0.59 8.60 13.61
N ASP B 32 0.58 9.21 13.67
CA ASP B 32 0.82 10.63 13.63
C ASP B 32 0.71 11.26 12.26
N SER B 33 1.10 10.50 11.23
CA SER B 33 1.07 11.04 9.88
C SER B 33 0.15 10.33 8.89
N TYR B 34 -0.54 9.29 9.34
CA TYR B 34 -1.44 8.60 8.43
C TYR B 34 -2.56 7.83 9.13
N TYR B 35 -3.53 7.39 8.33
CA TYR B 35 -4.68 6.62 8.79
C TYR B 35 -4.91 5.50 7.80
N ALA B 36 -5.24 4.32 8.31
CA ALA B 36 -5.48 3.16 7.45
C ALA B 36 -6.42 2.20 8.14
N ARG B 37 -7.16 1.44 7.35
CA ARG B 37 -8.10 0.47 7.89
C ARG B 37 -8.59 -0.47 6.79
N SER B 38 -9.10 -1.62 7.20
CA SER B 38 -9.67 -2.59 6.27
C SER B 38 -10.92 -1.93 5.68
N LEU B 39 -11.39 -2.43 4.57
CA LEU B 39 -12.58 -1.86 3.95
C LEU B 39 -13.16 -2.85 2.96
N ALA B 40 -14.48 -2.97 2.95
CA ALA B 40 -15.14 -3.87 2.03
C ALA B 40 -16.28 -3.17 1.30
N VAL B 41 -16.17 -3.09 -0.01
CA VAL B 41 -17.19 -2.48 -0.83
C VAL B 41 -17.78 -3.63 -1.62
N GLY B 42 -18.95 -4.10 -1.20
CA GLY B 42 -19.56 -5.24 -1.85
C GLY B 42 -18.65 -6.43 -1.61
N GLU B 43 -18.20 -7.08 -2.68
CA GLU B 43 -17.29 -8.22 -2.57
C GLU B 43 -15.84 -7.79 -2.75
N TYR B 44 -15.62 -6.48 -2.81
CA TYR B 44 -14.27 -5.92 -2.95
C TYR B 44 -13.70 -5.58 -1.59
N ARG B 45 -12.55 -6.17 -1.24
CA ARG B 45 -11.93 -5.94 0.05
C ARG B 45 -10.45 -5.56 -0.01
N GLY B 46 -9.96 -4.88 1.03
CA GLY B 46 -8.57 -4.48 1.08
C GLY B 46 -8.26 -3.45 2.16
N VAL B 47 -7.17 -2.71 1.96
CA VAL B 47 -6.77 -1.70 2.93
C VAL B 47 -6.67 -0.32 2.30
N VAL B 48 -7.21 0.68 2.99
CA VAL B 48 -7.16 2.04 2.48
C VAL B 48 -6.27 2.87 3.40
N THR B 49 -5.28 3.54 2.81
CA THR B 49 -4.38 4.38 3.58
C THR B 49 -4.55 5.84 3.20
N ALA B 50 -4.72 6.70 4.19
CA ALA B 50 -4.88 8.14 3.96
C ALA B 50 -3.67 8.88 4.55
N ILE B 51 -3.00 9.64 3.70
CA ILE B 51 -1.80 10.39 4.06
C ILE B 51 -1.94 11.86 3.71
N PRO B 52 -2.02 12.73 4.73
CA PRO B 52 -2.16 14.17 4.49
C PRO B 52 -0.82 14.87 4.22
N ASP B 53 -0.85 15.81 3.28
CA ASP B 53 0.30 16.61 2.88
C ASP B 53 -0.08 18.02 3.28
N ILE B 54 0.17 18.34 4.54
CA ILE B 54 -0.18 19.64 5.10
C ILE B 54 0.16 20.87 4.26
N ALA B 55 1.42 20.96 3.85
CA ALA B 55 1.88 22.10 3.05
C ALA B 55 1.09 22.27 1.76
N ARG B 56 0.57 21.19 1.21
CA ARG B 56 -0.19 21.30 -0.03
C ARG B 56 -1.69 21.08 0.18
N HIS B 57 -2.12 21.05 1.45
CA HIS B 57 -3.52 20.81 1.81
C HIS B 57 -4.16 19.78 0.88
N THR B 58 -3.42 18.72 0.60
CA THR B 58 -3.89 17.65 -0.25
C THR B 58 -3.77 16.31 0.49
N LEU B 59 -4.83 15.52 0.45
CA LEU B 59 -4.83 14.21 1.11
C LEU B 59 -4.54 13.11 0.08
N HIS B 60 -3.50 12.31 0.32
CA HIS B 60 -3.14 11.23 -0.58
C HIS B 60 -3.68 9.90 -0.08
N ILE B 61 -4.41 9.19 -0.94
CA ILE B 61 -5.00 7.91 -0.59
C ILE B 61 -4.35 6.77 -1.38
N ASN B 62 -4.09 5.67 -0.70
CA ASN B 62 -3.48 4.51 -1.32
C ASN B 62 -4.39 3.33 -1.07
N LEU B 63 -4.63 2.53 -2.10
CA LEU B 63 -5.49 1.37 -1.95
C LEU B 63 -4.75 0.09 -2.33
N SER B 64 -5.04 -1.01 -1.65
CA SER B 64 -4.43 -2.29 -1.96
C SER B 64 -5.11 -2.75 -3.26
N ALA B 65 -4.53 -3.75 -3.90
CA ALA B 65 -5.06 -4.27 -5.16
C ALA B 65 -6.55 -4.61 -5.19
N GLY B 66 -7.06 -5.26 -4.15
CA GLY B 66 -8.47 -5.64 -4.12
C GLY B 66 -9.55 -4.56 -4.17
N LEU B 67 -9.16 -3.29 -4.00
CA LEU B 67 -10.13 -2.20 -3.98
C LEU B 67 -10.11 -1.26 -5.18
N GLU B 68 -9.09 -1.40 -6.02
CA GLU B 68 -8.99 -0.53 -7.19
C GLU B 68 -10.24 -0.50 -8.06
N PRO B 69 -10.90 -1.66 -8.25
CA PRO B 69 -12.12 -1.66 -9.08
C PRO B 69 -13.17 -0.67 -8.59
N VAL B 70 -13.13 -0.38 -7.29
CA VAL B 70 -14.07 0.55 -6.66
C VAL B 70 -13.34 1.70 -5.97
N ALA B 71 -12.20 2.07 -6.53
CA ALA B 71 -11.39 3.16 -6.00
C ALA B 71 -12.21 4.42 -5.69
N ALA B 72 -13.00 4.88 -6.68
CA ALA B 72 -13.82 6.08 -6.53
C ALA B 72 -14.74 6.10 -5.31
N GLU B 73 -15.38 4.97 -5.04
CA GLU B 73 -16.27 4.88 -3.89
C GLU B 73 -15.38 4.92 -2.64
N CYS B 74 -14.18 4.35 -2.73
CA CYS B 74 -13.26 4.37 -1.60
C CYS B 74 -12.88 5.81 -1.34
N LEU B 75 -12.60 6.56 -2.41
CA LEU B 75 -12.22 7.95 -2.26
C LEU B 75 -13.40 8.72 -1.64
N ALA B 76 -14.62 8.42 -2.07
CA ALA B 76 -15.78 9.09 -1.52
C ALA B 76 -15.91 8.81 -0.02
N LYS B 77 -15.75 7.56 0.37
CA LYS B 77 -15.86 7.22 1.80
C LYS B 77 -14.84 7.97 2.65
N MET B 78 -13.63 8.14 2.12
CA MET B 78 -12.57 8.88 2.82
C MET B 78 -12.95 10.36 2.96
N SER B 79 -13.59 10.92 1.93
CA SER B 79 -13.98 12.32 1.95
C SER B 79 -15.05 12.59 3.02
N ARG B 80 -15.91 11.61 3.24
CA ARG B 80 -16.96 11.77 4.24
C ARG B 80 -16.41 11.54 5.64
N LEU B 81 -15.38 10.69 5.73
CA LEU B 81 -14.75 10.40 7.01
C LEU B 81 -13.93 11.59 7.52
N PHE B 82 -13.30 12.32 6.59
CA PHE B 82 -12.47 13.45 6.97
C PHE B 82 -13.08 14.82 6.75
N ASP B 83 -14.31 14.84 6.26
CA ASP B 83 -15.02 16.09 6.05
C ASP B 83 -14.23 17.05 5.14
N LEU B 84 -13.75 16.53 4.01
CA LEU B 84 -12.97 17.33 3.06
C LEU B 84 -13.73 18.50 2.46
N GLN B 85 -15.06 18.46 2.51
CA GLN B 85 -15.89 19.53 1.96
C GLN B 85 -15.97 20.79 2.80
N CYS B 86 -15.68 20.65 4.09
CA CYS B 86 -15.81 21.78 5.00
C CYS B 86 -15.08 23.05 4.62
N ASN B 87 -15.81 24.16 4.76
CA ASN B 87 -15.28 25.50 4.51
C ASN B 87 -15.16 26.17 5.89
N PRO B 88 -14.00 26.05 6.55
CA PRO B 88 -13.77 26.64 7.88
C PRO B 88 -14.06 28.14 7.99
N GLN B 89 -13.91 28.88 6.89
CA GLN B 89 -14.17 30.31 6.89
C GLN B 89 -15.63 30.54 7.28
N ILE B 90 -16.53 29.91 6.53
CA ILE B 90 -17.96 30.07 6.78
C ILE B 90 -18.34 29.57 8.16
N VAL B 91 -17.90 28.35 8.50
CA VAL B 91 -18.22 27.79 9.81
C VAL B 91 -17.73 28.63 10.99
N ASN B 92 -16.47 29.05 10.97
CA ASN B 92 -15.95 29.83 12.09
C ASN B 92 -16.56 31.23 12.13
N GLY B 93 -16.88 31.78 10.98
CA GLY B 93 -17.50 33.09 10.94
C GLY B 93 -18.84 33.03 11.65
N ALA B 94 -19.54 31.91 11.53
CA ALA B 94 -20.85 31.78 12.18
C ALA B 94 -20.75 31.38 13.66
N LEU B 95 -19.75 30.59 14.01
CA LEU B 95 -19.58 30.15 15.38
C LEU B 95 -18.93 31.24 16.24
N GLY B 96 -18.09 32.06 15.60
CA GLY B 96 -17.42 33.14 16.31
C GLY B 96 -16.43 32.65 17.35
N ARG B 97 -16.49 33.25 18.54
CA ARG B 97 -15.61 32.90 19.65
C ARG B 97 -15.43 31.40 19.83
N LEU B 98 -16.53 30.66 19.85
CA LEU B 98 -16.49 29.21 20.03
C LEU B 98 -15.61 28.50 19.01
N GLY B 99 -15.33 29.18 17.89
CA GLY B 99 -14.51 28.59 16.87
C GLY B 99 -13.07 29.06 16.93
N ALA B 100 -12.84 30.17 17.62
CA ALA B 100 -11.49 30.71 17.73
C ALA B 100 -10.51 29.71 18.32
N ALA B 101 -10.98 28.84 19.20
CA ALA B 101 -10.11 27.83 19.82
C ALA B 101 -9.37 26.97 18.80
N ARG B 102 -10.11 26.13 18.07
CA ARG B 102 -9.54 25.25 17.06
C ARG B 102 -10.32 25.47 15.77
N PRO B 103 -9.89 26.44 14.96
CA PRO B 103 -10.58 26.71 13.69
C PRO B 103 -10.45 25.57 12.67
N GLY B 104 -9.42 24.75 12.83
CA GLY B 104 -9.20 23.65 11.90
C GLY B 104 -9.92 22.37 12.27
N LEU B 105 -10.72 22.42 13.31
CA LEU B 105 -11.47 21.26 13.76
C LEU B 105 -12.49 20.86 12.70
N ARG B 106 -12.54 19.57 12.36
CA ARG B 106 -13.47 19.07 11.35
C ARG B 106 -14.46 18.07 11.95
N LEU B 107 -15.44 17.66 11.15
CA LEU B 107 -16.42 16.68 11.60
C LEU B 107 -16.03 15.27 11.16
N PRO B 108 -15.70 14.38 12.12
CA PRO B 108 -15.31 13.00 11.80
C PRO B 108 -16.54 12.22 11.33
N GLY B 109 -16.50 11.68 10.12
CA GLY B 109 -17.65 10.94 9.63
C GLY B 109 -17.50 9.44 9.80
N CYS B 110 -17.54 8.72 8.69
CA CYS B 110 -17.39 7.27 8.68
C CYS B 110 -17.21 6.77 7.26
N VAL B 111 -16.79 5.51 7.12
CA VAL B 111 -16.61 4.94 5.80
C VAL B 111 -17.81 4.07 5.39
N ASP B 112 -18.65 3.72 6.36
CA ASP B 112 -19.83 2.90 6.10
C ASP B 112 -20.91 3.22 7.13
N ALA B 113 -22.06 3.70 6.67
CA ALA B 113 -23.16 4.06 7.56
C ALA B 113 -23.66 2.92 8.44
N PHE B 114 -23.66 1.70 7.92
CA PHE B 114 -24.11 0.55 8.70
C PHE B 114 -23.19 0.31 9.88
N GLU B 115 -21.90 0.44 9.62
CA GLU B 115 -20.88 0.24 10.64
C GLU B 115 -21.07 1.28 11.73
N GLN B 116 -21.13 2.54 11.31
CA GLN B 116 -21.26 3.62 12.26
C GLN B 116 -22.53 3.42 13.08
N GLY B 117 -23.57 2.89 12.45
CA GLY B 117 -24.80 2.63 13.16
C GLY B 117 -24.51 1.63 14.25
N VAL B 118 -23.79 0.57 13.88
CA VAL B 118 -23.41 -0.46 14.82
C VAL B 118 -22.62 0.15 15.98
N ARG B 119 -21.70 1.06 15.66
CA ARG B 119 -20.88 1.70 16.67
C ARG B 119 -21.69 2.55 17.64
N ALA B 120 -22.55 3.40 17.09
CA ALA B 120 -23.39 4.27 17.89
C ALA B 120 -24.13 3.49 18.96
N ILE B 121 -24.65 2.32 18.59
CA ILE B 121 -25.38 1.49 19.53
C ILE B 121 -24.42 0.95 20.57
N LEU B 122 -23.22 0.53 20.09
CA LEU B 122 -22.24 0.03 21.07
C LEU B 122 -21.78 1.09 22.03
N GLY B 123 -21.68 2.31 21.54
CA GLY B 123 -21.30 3.51 22.23
C GLY B 123 -22.26 3.98 23.30
N GLN B 124 -23.43 3.33 23.34
CA GLN B 124 -24.39 3.61 24.39
C GLN B 124 -23.90 3.12 25.78
N LEU B 125 -23.83 4.09 26.66
CA LEU B 125 -23.82 3.91 28.13
C LEU B 125 -22.46 3.39 28.53
N VAL B 126 -21.54 3.75 27.63
CA VAL B 126 -20.15 3.35 27.93
C VAL B 126 -19.16 4.39 27.49
N SER B 127 -17.94 4.30 27.96
CA SER B 127 -16.90 5.24 27.58
C SER B 127 -16.27 4.87 26.26
N VAL B 128 -15.64 5.85 25.62
CA VAL B 128 -14.97 5.66 24.35
C VAL B 128 -14.10 4.41 24.35
N ALA B 129 -13.33 4.21 25.41
CA ALA B 129 -12.45 3.04 25.51
C ALA B 129 -13.21 1.73 25.60
N MET B 130 -14.23 1.66 26.45
CA MET B 130 -15.01 0.43 26.59
C MET B 130 -15.70 0.10 25.27
N ALA B 131 -16.28 1.12 24.64
CA ALA B 131 -16.96 0.95 23.36
C ALA B 131 -16.00 0.31 22.33
N ALA B 132 -14.82 0.88 22.17
CA ALA B 132 -13.81 0.38 21.23
C ALA B 132 -13.45 -1.06 21.54
N LYS B 133 -13.32 -1.35 22.83
CA LYS B 133 -13.00 -2.68 23.30
C LYS B 133 -14.10 -3.65 22.88
N LEU B 134 -15.34 -3.29 23.17
CA LEU B 134 -16.49 -4.12 22.83
C LEU B 134 -16.57 -4.36 21.33
N THR B 135 -16.55 -3.27 20.55
CA THR B 135 -16.63 -3.35 19.09
C THR B 135 -15.57 -4.32 18.53
N ALA B 136 -14.40 -4.32 19.15
CA ALA B 136 -13.33 -5.20 18.70
C ALA B 136 -13.72 -6.66 18.87
N ARG B 137 -14.38 -6.95 19.98
CA ARG B 137 -14.81 -8.33 20.27
C ARG B 137 -15.82 -8.78 19.22
N VAL B 138 -16.79 -7.91 18.97
CA VAL B 138 -17.80 -8.23 18.00
C VAL B 138 -17.18 -8.49 16.63
N ALA B 139 -16.27 -7.63 16.21
CA ALA B 139 -15.60 -7.78 14.91
C ALA B 139 -14.68 -8.99 14.91
N GLN B 140 -14.17 -9.33 16.08
CA GLN B 140 -13.26 -10.45 16.20
C GLN B 140 -14.01 -11.75 15.96
N LEU B 141 -15.25 -11.78 16.42
CA LEU B 141 -16.11 -12.96 16.29
C LEU B 141 -16.98 -13.01 15.01
N TYR B 142 -17.40 -11.84 14.52
CA TYR B 142 -18.25 -11.77 13.32
C TYR B 142 -17.59 -11.19 12.08
N GLY B 143 -16.33 -10.76 12.19
CA GLY B 143 -15.63 -10.21 11.04
C GLY B 143 -14.76 -11.25 10.36
N GLU B 144 -14.35 -10.98 9.12
CA GLU B 144 -13.50 -11.90 8.37
C GLU B 144 -12.16 -11.23 8.03
N ARG B 145 -11.08 -12.00 8.16
CA ARG B 145 -9.74 -11.49 7.88
C ARG B 145 -9.49 -11.32 6.41
N LEU B 146 -8.51 -10.48 6.07
CA LEU B 146 -8.15 -10.25 4.69
C LEU B 146 -7.09 -11.28 4.32
N ASP B 147 -7.30 -11.96 3.19
CA ASP B 147 -6.38 -12.97 2.71
C ASP B 147 -4.97 -12.42 2.50
N ASP B 148 -4.84 -11.38 1.69
CA ASP B 148 -3.53 -10.79 1.41
C ASP B 148 -2.95 -9.93 2.52
N PHE B 149 -3.76 -9.62 3.52
CA PHE B 149 -3.31 -8.82 4.67
C PHE B 149 -3.88 -9.41 5.96
N PRO B 150 -3.39 -10.61 6.34
CA PRO B 150 -3.81 -11.35 7.53
C PRO B 150 -3.87 -10.60 8.85
N GLU B 151 -3.19 -9.46 8.95
CA GLU B 151 -3.22 -8.70 10.18
C GLU B 151 -4.52 -7.88 10.32
N TYR B 152 -5.17 -7.58 9.19
CA TYR B 152 -6.43 -6.82 9.17
C TYR B 152 -7.70 -7.67 9.14
N ILE B 153 -8.72 -7.21 9.84
CA ILE B 153 -10.05 -7.85 9.90
C ILE B 153 -11.06 -6.84 9.35
N CYS B 154 -12.08 -7.30 8.62
CA CYS B 154 -13.10 -6.42 8.05
C CYS B 154 -14.22 -6.24 9.06
N PHE B 155 -14.77 -5.04 9.14
CA PHE B 155 -15.87 -4.83 10.08
C PHE B 155 -16.93 -5.87 9.73
N PRO B 156 -17.72 -6.30 10.72
CA PRO B 156 -18.76 -7.30 10.44
C PRO B 156 -19.75 -6.80 9.39
N THR B 157 -20.14 -7.70 8.49
CA THR B 157 -21.08 -7.38 7.42
C THR B 157 -22.47 -7.47 8.01
N PRO B 158 -23.47 -6.89 7.33
CA PRO B 158 -24.83 -6.96 7.85
C PRO B 158 -25.38 -8.39 7.75
N GLN B 159 -24.83 -9.17 6.84
CA GLN B 159 -25.26 -10.56 6.65
C GLN B 159 -24.91 -11.41 7.88
N ARG B 160 -23.69 -11.22 8.40
CA ARG B 160 -23.24 -11.97 9.56
C ARG B 160 -23.94 -11.60 10.86
N LEU B 161 -24.08 -10.30 11.11
CA LEU B 161 -24.72 -9.82 12.33
C LEU B 161 -26.22 -10.11 12.38
N ALA B 162 -26.82 -10.27 11.21
CA ALA B 162 -28.25 -10.55 11.12
C ALA B 162 -28.54 -11.96 11.62
N ALA B 163 -27.64 -12.90 11.33
CA ALA B 163 -27.82 -14.27 11.74
C ALA B 163 -27.08 -14.55 13.04
N ALA B 164 -26.78 -13.50 13.80
CA ALA B 164 -26.07 -13.66 15.06
C ALA B 164 -27.05 -13.98 16.18
N ASP B 165 -26.62 -14.85 17.09
CA ASP B 165 -27.42 -15.24 18.24
C ASP B 165 -27.46 -14.08 19.23
N PRO B 166 -28.68 -13.69 19.63
CA PRO B 166 -28.91 -12.60 20.58
C PRO B 166 -28.12 -12.80 21.89
N GLN B 167 -28.14 -14.02 22.40
CA GLN B 167 -27.42 -14.34 23.64
C GLN B 167 -25.92 -14.26 23.47
N ALA B 168 -25.45 -14.63 22.29
CA ALA B 168 -24.03 -14.59 21.99
C ALA B 168 -23.57 -13.13 22.07
N LEU B 169 -24.16 -12.26 21.26
CA LEU B 169 -23.80 -10.85 21.29
C LEU B 169 -23.90 -10.37 22.74
N LYS B 170 -25.07 -10.58 23.34
CA LYS B 170 -25.33 -10.20 24.72
C LYS B 170 -24.20 -10.68 25.64
N ALA B 171 -23.66 -11.84 25.32
CA ALA B 171 -22.59 -12.41 26.13
C ALA B 171 -21.25 -11.69 25.96
N LEU B 172 -21.13 -10.87 24.91
CA LEU B 172 -19.90 -10.12 24.67
C LEU B 172 -19.78 -8.92 25.60
N GLY B 173 -20.88 -8.63 26.31
CA GLY B 173 -20.88 -7.53 27.25
C GLY B 173 -21.89 -6.43 26.95
N MET B 174 -23.15 -6.79 26.75
CA MET B 174 -24.17 -5.79 26.48
C MET B 174 -25.55 -6.32 26.82
N PRO B 175 -26.48 -5.43 27.16
CA PRO B 175 -27.84 -5.87 27.49
C PRO B 175 -28.50 -6.57 26.29
N LEU B 176 -29.43 -7.48 26.58
CA LEU B 176 -30.14 -8.20 25.52
C LEU B 176 -30.76 -7.20 24.55
N LYS B 177 -31.28 -6.11 25.10
CA LYS B 177 -31.91 -5.05 24.30
C LYS B 177 -30.95 -4.52 23.24
N ARG B 178 -29.70 -4.30 23.62
CA ARG B 178 -28.70 -3.77 22.70
C ARG B 178 -28.36 -4.78 21.60
N ALA B 179 -28.28 -6.05 21.97
CA ALA B 179 -27.97 -7.08 20.97
C ALA B 179 -29.08 -7.13 19.93
N GLU B 180 -30.32 -7.25 20.38
CA GLU B 180 -31.46 -7.30 19.47
C GLU B 180 -31.51 -6.07 18.57
N ALA B 181 -31.14 -4.91 19.13
CA ALA B 181 -31.15 -3.68 18.36
C ALA B 181 -30.17 -3.84 17.19
N LEU B 182 -28.98 -4.34 17.49
CA LEU B 182 -27.97 -4.55 16.46
C LEU B 182 -28.48 -5.46 15.36
N ILE B 183 -29.09 -6.59 15.76
CA ILE B 183 -29.61 -7.55 14.79
C ILE B 183 -30.66 -6.87 13.91
N HIS B 184 -31.46 -6.01 14.51
CA HIS B 184 -32.49 -5.33 13.75
C HIS B 184 -31.87 -4.29 12.80
N LEU B 185 -30.76 -3.69 13.22
CA LEU B 185 -30.07 -2.70 12.40
C LEU B 185 -29.59 -3.38 11.13
N ALA B 186 -28.98 -4.55 11.32
CA ALA B 186 -28.46 -5.33 10.21
C ALA B 186 -29.54 -5.61 9.16
N ASN B 187 -30.69 -6.13 9.58
CA ASN B 187 -31.76 -6.42 8.61
C ASN B 187 -32.26 -5.19 7.88
N ALA B 188 -32.27 -4.06 8.58
CA ALA B 188 -32.71 -2.81 7.99
C ALA B 188 -31.67 -2.40 6.95
N ALA B 189 -30.41 -2.79 7.20
CA ALA B 189 -29.34 -2.46 6.27
C ALA B 189 -29.52 -3.31 5.01
N LEU B 190 -29.97 -4.56 5.19
CA LEU B 190 -30.19 -5.48 4.08
C LEU B 190 -31.40 -5.10 3.21
N GLU B 191 -32.48 -4.67 3.86
CA GLU B 191 -33.69 -4.29 3.13
C GLU B 191 -33.59 -2.88 2.55
N GLY B 192 -32.62 -2.13 3.03
CA GLY B 192 -32.44 -0.76 2.54
C GLY B 192 -33.29 0.26 3.26
N THR B 193 -33.73 -0.03 4.49
CA THR B 193 -34.55 0.91 5.23
C THR B 193 -33.67 1.87 6.03
N LEU B 194 -32.37 1.58 6.05
CA LEU B 194 -31.40 2.41 6.75
C LEU B 194 -30.69 3.34 5.77
N PRO B 195 -30.94 4.65 5.86
CA PRO B 195 -30.28 5.59 4.96
C PRO B 195 -28.76 5.49 5.08
N MET B 196 -28.10 5.18 3.98
CA MET B 196 -26.65 5.05 3.96
C MET B 196 -25.97 6.38 3.68
N THR B 197 -26.74 7.31 3.15
CA THR B 197 -26.23 8.64 2.83
C THR B 197 -27.25 9.61 3.42
N ILE B 198 -26.78 10.78 3.85
CA ILE B 198 -27.65 11.77 4.49
C ILE B 198 -28.92 12.09 3.69
N PRO B 199 -30.08 11.92 4.32
CA PRO B 199 -31.38 12.20 3.70
C PRO B 199 -31.68 13.70 3.63
N GLY B 200 -32.47 14.09 2.64
CA GLY B 200 -32.80 15.50 2.49
C GLY B 200 -33.49 16.08 3.71
N ASP B 201 -34.18 15.24 4.47
CA ASP B 201 -34.87 15.69 5.67
C ASP B 201 -34.39 14.89 6.87
N VAL B 202 -33.29 15.35 7.48
CA VAL B 202 -32.69 14.68 8.62
C VAL B 202 -33.59 14.51 9.85
N GLU B 203 -34.37 15.54 10.19
CA GLU B 203 -35.25 15.44 11.34
C GLU B 203 -36.23 14.29 11.24
N GLN B 204 -36.86 14.14 10.08
CA GLN B 204 -37.85 13.08 9.87
C GLN B 204 -37.19 11.71 9.90
N ALA B 205 -36.03 11.59 9.26
CA ALA B 205 -35.30 10.34 9.19
C ALA B 205 -34.89 9.88 10.60
N MET B 206 -34.42 10.81 11.43
CA MET B 206 -34.03 10.47 12.79
C MET B 206 -35.23 9.96 13.58
N LYS B 207 -36.33 10.71 13.52
CA LYS B 207 -37.53 10.31 14.24
C LYS B 207 -37.90 8.87 13.90
N THR B 208 -37.79 8.53 12.62
CA THR B 208 -38.09 7.18 12.17
C THR B 208 -37.16 6.19 12.88
N LEU B 209 -35.87 6.53 12.95
CA LEU B 209 -34.87 5.68 13.60
C LEU B 209 -35.12 5.44 15.08
N GLN B 210 -35.48 6.49 15.80
CA GLN B 210 -35.74 6.38 17.22
C GLN B 210 -36.91 5.45 17.49
N THR B 211 -37.75 5.26 16.48
CA THR B 211 -38.91 4.37 16.58
C THR B 211 -38.44 2.93 16.71
N PHE B 212 -37.25 2.65 16.16
CA PHE B 212 -36.70 1.30 16.24
C PHE B 212 -36.47 0.96 17.70
N PRO B 213 -36.57 -0.34 18.05
CA PRO B 213 -36.36 -0.81 19.42
C PRO B 213 -34.89 -0.83 19.77
N GLY B 214 -34.50 -0.07 20.80
CA GLY B 214 -33.11 -0.05 21.20
C GLY B 214 -32.37 1.19 20.74
N ILE B 215 -33.05 2.05 20.01
CA ILE B 215 -32.44 3.29 19.50
C ILE B 215 -32.96 4.51 20.25
N GLY B 216 -32.20 4.97 21.23
CA GLY B 216 -32.62 6.15 21.99
C GLY B 216 -32.35 7.42 21.23
N ARG B 217 -32.51 8.56 21.89
CA ARG B 217 -32.28 9.85 21.28
C ARG B 217 -30.78 10.05 21.02
N TRP B 218 -29.97 9.83 22.05
CA TRP B 218 -28.53 9.98 21.90
C TRP B 218 -28.03 9.20 20.69
N THR B 219 -28.24 7.88 20.69
CA THR B 219 -27.81 7.06 19.56
C THR B 219 -28.25 7.69 18.22
N ALA B 220 -29.55 7.98 18.08
CA ALA B 220 -30.08 8.58 16.85
C ALA B 220 -29.31 9.83 16.43
N ASN B 221 -29.21 10.80 17.34
CA ASN B 221 -28.51 12.05 17.09
C ASN B 221 -27.06 11.78 16.69
N TYR B 222 -26.36 11.02 17.52
CA TYR B 222 -24.97 10.72 17.27
C TYR B 222 -24.78 9.99 15.96
N PHE B 223 -25.74 9.14 15.64
CA PHE B 223 -25.67 8.40 14.39
C PHE B 223 -25.74 9.38 13.23
N ALA B 224 -26.82 10.14 13.18
CA ALA B 224 -26.99 11.13 12.12
C ALA B 224 -25.75 12.00 11.97
N LEU B 225 -25.18 12.40 13.11
CA LEU B 225 -24.00 13.24 13.13
C LEU B 225 -22.77 12.63 12.45
N ARG B 226 -22.45 11.40 12.79
CA ARG B 226 -21.29 10.76 12.18
C ARG B 226 -21.65 9.86 11.03
N GLY B 227 -22.81 9.22 11.12
CA GLY B 227 -23.26 8.32 10.08
C GLY B 227 -23.68 9.00 8.80
N TRP B 228 -24.32 10.16 8.90
CA TRP B 228 -24.78 10.90 7.72
C TRP B 228 -24.02 12.22 7.57
N GLN B 229 -23.24 12.56 8.60
CA GLN B 229 -22.47 13.80 8.64
C GLN B 229 -23.37 15.01 8.62
N ALA B 230 -24.45 14.95 9.40
CA ALA B 230 -25.39 16.05 9.54
C ALA B 230 -24.66 17.14 10.33
N LYS B 231 -24.65 18.37 9.80
CA LYS B 231 -23.93 19.47 10.45
C LYS B 231 -24.67 20.31 11.48
N ASP B 232 -25.97 20.08 11.68
CA ASP B 232 -26.74 20.87 12.64
C ASP B 232 -27.37 19.98 13.71
N VAL B 233 -26.57 19.05 14.24
CA VAL B 233 -27.01 18.14 15.27
C VAL B 233 -26.26 18.36 16.57
N PHE B 234 -26.98 18.36 17.68
CA PHE B 234 -26.37 18.52 19.00
C PHE B 234 -26.75 17.28 19.83
N LEU B 235 -25.97 16.99 20.87
CA LEU B 235 -26.22 15.84 21.73
C LEU B 235 -26.49 16.31 23.17
N PRO B 236 -27.73 16.73 23.47
CA PRO B 236 -28.10 17.21 24.80
C PRO B 236 -28.07 16.14 25.89
N ASP B 237 -28.14 14.89 25.48
CA ASP B 237 -28.13 13.76 26.40
C ASP B 237 -26.70 13.26 26.67
N ASP B 238 -25.78 13.56 25.76
CA ASP B 238 -24.38 13.10 25.93
C ASP B 238 -23.86 13.34 27.35
N TYR B 239 -23.02 12.43 27.82
CA TYR B 239 -22.44 12.49 29.17
C TYR B 239 -21.47 13.67 29.34
N LEU B 240 -20.50 13.77 28.45
CA LEU B 240 -19.52 14.84 28.51
C LEU B 240 -20.21 16.20 28.42
N ILE B 241 -21.24 16.28 27.58
CA ILE B 241 -22.00 17.51 27.40
C ILE B 241 -22.64 17.96 28.72
N LYS B 242 -23.17 17.00 29.45
CA LYS B 242 -23.81 17.27 30.73
C LYS B 242 -22.77 17.81 31.70
N GLN B 243 -21.53 17.36 31.53
CA GLN B 243 -20.43 17.81 32.38
C GLN B 243 -20.15 19.29 32.07
N ARG B 244 -20.10 19.61 30.77
CA ARG B 244 -19.84 20.97 30.32
C ARG B 244 -20.96 21.92 30.74
N PHE B 245 -22.16 21.39 30.91
CA PHE B 245 -23.31 22.19 31.33
C PHE B 245 -23.75 21.77 32.74
N PRO B 246 -23.14 22.35 33.78
CA PRO B 246 -23.46 22.04 35.18
C PRO B 246 -24.92 22.28 35.58
N GLY B 247 -25.58 21.24 36.07
CA GLY B 247 -26.96 21.36 36.52
C GLY B 247 -28.02 21.67 35.48
N MET B 248 -27.67 21.62 34.21
CA MET B 248 -28.66 21.88 33.17
C MET B 248 -29.21 20.59 32.58
N THR B 249 -30.53 20.51 32.48
CA THR B 249 -31.21 19.34 31.94
C THR B 249 -31.03 19.32 30.42
N PRO B 250 -31.24 18.15 29.80
CA PRO B 250 -31.11 18.00 28.35
C PRO B 250 -31.93 19.03 27.55
N ALA B 251 -33.15 19.30 28.00
CA ALA B 251 -34.04 20.25 27.33
C ALA B 251 -33.45 21.66 27.36
N GLN B 252 -32.84 22.00 28.49
CA GLN B 252 -32.21 23.32 28.67
C GLN B 252 -30.98 23.44 27.79
N ILE B 253 -30.16 22.40 27.80
CA ILE B 253 -28.95 22.39 26.99
C ILE B 253 -29.38 22.62 25.54
N ARG B 254 -30.39 21.87 25.10
CA ARG B 254 -30.91 21.97 23.74
C ARG B 254 -31.34 23.40 23.41
N ARG B 255 -31.98 24.05 24.38
CA ARG B 255 -32.44 25.41 24.20
C ARG B 255 -31.22 26.31 24.00
N TYR B 256 -30.26 26.17 24.89
CA TYR B 256 -29.04 26.95 24.81
C TYR B 256 -28.32 26.81 23.47
N ALA B 257 -28.18 25.57 23.00
CA ALA B 257 -27.47 25.26 21.76
C ALA B 257 -28.07 25.79 20.46
N GLU B 258 -29.36 26.12 20.48
CA GLU B 258 -30.04 26.62 19.29
C GLU B 258 -29.33 27.83 18.68
N ARG B 259 -28.56 28.53 19.51
CA ARG B 259 -27.84 29.72 19.06
C ARG B 259 -26.76 29.39 18.05
N TRP B 260 -26.41 28.11 17.90
CA TRP B 260 -25.37 27.75 16.96
C TRP B 260 -25.89 27.20 15.65
N LYS B 261 -27.20 27.26 15.45
CA LYS B 261 -27.80 26.77 14.22
C LYS B 261 -27.26 27.62 13.08
N PRO B 262 -27.09 27.04 11.88
CA PRO B 262 -27.35 25.65 11.49
C PRO B 262 -26.08 24.80 11.46
N TRP B 263 -25.16 25.06 12.39
CA TRP B 263 -23.92 24.28 12.47
C TRP B 263 -23.73 23.67 13.86
N ARG B 264 -24.81 23.18 14.46
CA ARG B 264 -24.75 22.60 15.79
C ARG B 264 -23.76 21.45 15.96
N SER B 265 -23.53 20.68 14.88
CA SER B 265 -22.62 19.57 14.93
C SER B 265 -21.20 20.07 15.17
N TYR B 266 -20.82 21.13 14.47
CA TYR B 266 -19.49 21.71 14.65
C TYR B 266 -19.42 22.34 16.04
N ALA B 267 -20.56 22.81 16.54
CA ALA B 267 -20.62 23.41 17.87
C ALA B 267 -20.31 22.33 18.90
N LEU B 268 -21.01 21.21 18.79
CA LEU B 268 -20.83 20.08 19.70
C LEU B 268 -19.36 19.71 19.79
N LEU B 269 -18.71 19.56 18.64
CA LEU B 269 -17.29 19.18 18.59
C LEU B 269 -16.39 20.13 19.39
N HIS B 270 -16.52 21.43 19.15
CA HIS B 270 -15.71 22.41 19.87
C HIS B 270 -15.95 22.38 21.38
N ILE B 271 -17.19 22.16 21.78
CA ILE B 271 -17.53 22.12 23.20
C ILE B 271 -16.88 20.88 23.81
N TRP B 272 -16.92 19.80 23.04
CA TRP B 272 -16.33 18.54 23.47
C TRP B 272 -14.83 18.68 23.72
N TYR B 273 -14.18 19.49 22.89
CA TYR B 273 -12.75 19.66 23.00
C TYR B 273 -12.26 20.91 23.64
N THR B 274 -13.14 21.61 24.40
CA THR B 274 -12.62 22.74 25.24
C THR B 274 -12.80 22.48 26.69
N GLU B 275 -11.85 21.79 27.33
CA GLU B 275 -11.94 21.40 28.73
C GLU B 275 -12.49 22.42 29.68
N GLY B 276 -12.09 23.66 29.64
CA GLY B 276 -12.63 24.64 30.60
C GLY B 276 -13.73 25.50 30.05
N TRP B 277 -14.45 24.98 29.10
CA TRP B 277 -15.67 25.65 28.60
C TRP B 277 -16.84 25.54 29.59
N GLN B 278 -17.69 26.57 29.49
CA GLN B 278 -18.86 26.78 30.33
C GLN B 278 -19.84 27.73 29.62
N PRO B 279 -21.14 27.63 29.92
CA PRO B 279 -22.10 28.50 29.26
C PRO B 279 -22.07 29.92 29.81
N ASP B 280 -22.65 30.86 29.07
CA ASP B 280 -22.70 32.25 29.51
C ASP B 280 -23.79 32.40 30.56
N GLU B 281 -24.59 33.46 30.47
CA GLU B 281 -25.65 33.67 31.43
C GLU B 281 -26.85 34.39 30.84
N ALA B 282 -27.95 34.42 31.59
CA ALA B 282 -29.19 35.06 31.15
C ALA B 282 -29.78 35.95 32.25
#